data_7C74
#
_entry.id   7C74
#
_cell.length_a   54.060
_cell.length_b   80.590
_cell.length_c   74.830
_cell.angle_alpha   90.000
_cell.angle_beta   101.310
_cell.angle_gamma   90.000
#
_symmetry.space_group_name_H-M   'P 1 21 1'
#
loop_
_entity.id
_entity.type
_entity.pdbx_description
1 polymer Lactoperoxidase
2 non-polymer 'CALCIUM ION'
3 non-polymer 'PROTOPORPHYRIN IX CONTAINING FE'
4 non-polymer 'CHLORIDE ION'
5 water water
#
_entity_poly.entity_id   1
_entity_poly.type   'polypeptide(L)'
_entity_poly.pdbx_seq_one_letter_code
;SWEVGCGAPVPLVKCDENSPYRTITGDCNNRRSPALGAANRALARWLPAEYEDGLALPFGWTQRKTRNGFRVPLAREVSN
KIVGYLDEEGVLDQNRSLLFMQWGQIVDHDLDFAPETELGSNEHSKTQCEEYCIQGDNCFPIMFPKNDPKLKTQGKCMPF
FRAGFVCPTPPYQSLAREQINAVTSFLDASLVYGSEPSLASRLRNLSSPLGLMAVNQEAWDHGLAYLPFNNKKPSPCEFI
NTTARVPCFLAGDFRASEQILLATAHTLLLREHNRLARELKKLNPHWNGEKLYQEARKILGAFIQIITFRDYLPIVLGSE
MQKWIPPYQGYNNSVDPRISNVFTFAFRFGHMEVPSTVSRLDENYQPWGPEAELPLHTLFFNTWRIIKDGGIDPLVRGLL
AKKSKLMNQDKMVTSELRNKLFQPTHKIHGFDLAAINLQRCRDHGMPGYNSWRGFCGLSQPKTLKGLQTVLKNKILAKKL
MDLYKTPDNIDIWIGGNAEPMVERGRVGPLLACLLGRQFQQIRDGDRFWWENPGVFTEKQRDSLQKVSFSRLICDNTHIT
KVPLHAFQANNYPHDFVDCSTVDKLDLSPWASREN
;
_entity_poly.pdbx_strand_id   A
#
loop_
_chem_comp.id
_chem_comp.type
_chem_comp.name
_chem_comp.formula
CA non-polymer 'CALCIUM ION' 'Ca 2'
CL non-polymer 'CHLORIDE ION' 'Cl -1'
HEM non-polymer 'PROTOPORPHYRIN IX CONTAINING FE' 'C34 H32 Fe N4 O4'
#
# COMPACT_ATOMS: atom_id res chain seq x y z
N SER A 1 19.53 -12.15 -25.54
CA SER A 1 19.39 -13.63 -25.36
C SER A 1 18.68 -13.93 -24.03
N TRP A 2 18.57 -15.21 -23.66
CA TRP A 2 17.89 -15.70 -22.43
C TRP A 2 18.72 -15.32 -21.20
N GLU A 3 18.64 -14.06 -20.75
CA GLU A 3 19.29 -13.59 -19.49
C GLU A 3 18.33 -13.89 -18.33
N VAL A 4 17.80 -15.14 -18.29
CA VAL A 4 16.87 -15.67 -17.23
C VAL A 4 17.65 -15.77 -15.92
N GLY A 5 18.98 -15.88 -16.03
CA GLY A 5 19.92 -15.95 -14.89
C GLY A 5 19.80 -14.74 -13.98
N CYS A 6 19.94 -13.52 -14.51
CA CYS A 6 20.28 -12.29 -13.73
C CYS A 6 19.49 -12.29 -12.41
N GLY A 7 20.23 -12.18 -11.30
CA GLY A 7 19.72 -12.25 -9.92
C GLY A 7 20.80 -12.76 -8.97
N ALA A 8 21.78 -11.90 -8.65
CA ALA A 8 22.90 -12.19 -7.72
C ALA A 8 22.95 -11.20 -6.54
N PRO A 9 21.88 -10.44 -6.21
CA PRO A 9 21.69 -9.98 -4.83
C PRO A 9 20.81 -10.94 -4.02
N VAL A 10 20.74 -12.22 -4.41
CA VAL A 10 19.83 -13.26 -3.83
C VAL A 10 20.61 -14.54 -3.54
N PRO A 11 20.34 -15.22 -2.40
CA PRO A 11 20.98 -16.50 -2.09
C PRO A 11 20.44 -17.62 -3.00
N LEU A 12 19.12 -17.61 -3.21
CA LEU A 12 18.29 -18.73 -3.74
C LEU A 12 18.13 -19.75 -2.61
N VAL A 13 17.00 -20.47 -2.61
CA VAL A 13 16.47 -21.23 -1.42
C VAL A 13 16.04 -22.64 -1.88
N LYS A 14 16.75 -23.68 -1.41
CA LYS A 14 16.29 -25.09 -1.50
C LYS A 14 14.89 -25.16 -0.91
N CYS A 15 13.95 -25.78 -1.64
CA CYS A 15 12.51 -25.86 -1.28
C CYS A 15 12.20 -27.26 -0.73
N ASP A 16 11.66 -27.35 0.50
CA ASP A 16 11.20 -28.63 1.13
C ASP A 16 9.78 -28.93 0.65
N GLU A 17 9.69 -29.45 -0.59
CA GLU A 17 8.47 -29.82 -1.35
C GLU A 17 7.24 -29.94 -0.43
N ASN A 18 7.27 -30.86 0.54
CA ASN A 18 6.06 -31.32 1.28
C ASN A 18 5.54 -30.24 2.23
N SER A 19 6.35 -29.19 2.53
CA SER A 19 6.06 -28.15 3.56
C SER A 19 4.62 -27.60 3.43
N PRO A 20 3.80 -27.68 4.50
CA PRO A 20 2.37 -27.36 4.41
C PRO A 20 1.98 -25.89 4.61
N TYR A 21 2.94 -25.02 4.96
CA TYR A 21 2.75 -23.55 5.07
C TYR A 21 3.65 -22.82 4.06
N ARG A 22 3.38 -21.53 3.88
CA ARG A 22 4.13 -20.63 2.95
C ARG A 22 5.49 -20.35 3.57
N THR A 23 6.47 -19.98 2.74
CA THR A 23 7.73 -19.35 3.22
C THR A 23 7.41 -17.92 3.63
N ILE A 24 8.24 -17.33 4.49
CA ILE A 24 8.21 -15.87 4.80
C ILE A 24 8.52 -15.09 3.51
N THR A 25 9.42 -15.61 2.67
CA THR A 25 10.01 -14.86 1.53
C THR A 25 9.13 -15.00 0.30
N GLY A 26 8.24 -15.99 0.29
CA GLY A 26 7.35 -16.25 -0.86
C GLY A 26 7.92 -17.30 -1.81
N ASP A 27 9.17 -17.72 -1.60
CA ASP A 27 9.80 -18.81 -2.40
C ASP A 27 8.95 -20.08 -2.26
N CYS A 28 8.99 -20.92 -3.30
CA CYS A 28 8.48 -22.31 -3.29
C CYS A 28 6.95 -22.37 -3.45
N ASN A 29 6.26 -21.23 -3.63
CA ASN A 29 4.78 -21.20 -3.84
C ASN A 29 4.49 -21.85 -5.20
N ASN A 30 5.28 -21.47 -6.20
CA ASN A 30 5.39 -22.12 -7.54
C ASN A 30 6.48 -23.20 -7.48
N ARG A 31 6.18 -24.42 -7.91
CA ARG A 31 7.09 -25.59 -7.78
C ARG A 31 8.07 -25.63 -8.95
N ARG A 32 7.62 -25.32 -10.17
CA ARG A 32 8.47 -25.35 -11.39
C ARG A 32 9.45 -24.17 -11.34
N SER A 33 9.01 -23.00 -10.87
CA SER A 33 9.78 -21.73 -10.80
C SER A 33 9.66 -21.11 -9.40
N PRO A 34 10.44 -21.59 -8.41
CA PRO A 34 10.22 -21.22 -7.02
C PRO A 34 10.44 -19.74 -6.64
N ALA A 35 11.23 -18.99 -7.41
CA ALA A 35 11.56 -17.56 -7.13
C ALA A 35 10.36 -16.65 -7.39
N LEU A 36 9.35 -17.14 -8.12
CA LEU A 36 8.18 -16.35 -8.59
C LEU A 36 7.30 -15.92 -7.41
N GLY A 37 7.06 -14.61 -7.30
CA GLY A 37 6.18 -14.01 -6.29
C GLY A 37 6.97 -13.57 -5.07
N ALA A 38 8.17 -14.15 -4.90
CA ALA A 38 8.99 -13.99 -3.69
C ALA A 38 9.59 -12.60 -3.64
N ALA A 39 9.72 -12.05 -2.42
CA ALA A 39 10.34 -10.74 -2.11
C ALA A 39 11.81 -10.71 -2.56
N ASN A 40 12.38 -9.50 -2.64
CA ASN A 40 13.74 -9.14 -3.12
C ASN A 40 14.00 -9.76 -4.49
N ARG A 41 13.03 -9.71 -5.40
CA ARG A 41 13.22 -9.96 -6.87
C ARG A 41 12.65 -8.75 -7.63
N ALA A 42 12.90 -8.70 -8.94
CA ALA A 42 12.45 -7.61 -9.85
C ALA A 42 10.94 -7.63 -9.99
N LEU A 43 10.30 -6.45 -9.99
CA LEU A 43 8.90 -6.23 -10.44
C LEU A 43 8.74 -6.73 -11.88
N ALA A 44 7.73 -7.53 -12.18
CA ALA A 44 7.44 -8.01 -13.55
C ALA A 44 7.13 -6.83 -14.47
N ARG A 45 7.57 -6.92 -15.72
CA ARG A 45 7.24 -5.94 -16.79
C ARG A 45 6.05 -6.46 -17.58
N TRP A 46 4.96 -5.71 -17.59
CA TRP A 46 3.80 -5.98 -18.47
C TRP A 46 4.08 -5.36 -19.84
N LEU A 47 4.99 -4.35 -19.87
CA LEU A 47 5.52 -3.70 -21.09
C LEU A 47 7.00 -3.34 -20.87
N PRO A 48 7.82 -3.26 -21.95
CA PRO A 48 9.24 -2.94 -21.81
C PRO A 48 9.44 -1.59 -21.12
N ALA A 49 10.40 -1.53 -20.20
CA ALA A 49 10.85 -0.26 -19.57
C ALA A 49 11.12 0.73 -20.70
N GLU A 50 10.81 2.00 -20.45
CA GLU A 50 11.03 3.14 -21.36
C GLU A 50 11.90 4.15 -20.61
N TYR A 51 13.18 4.18 -20.96
CA TYR A 51 14.23 5.04 -20.36
C TYR A 51 14.75 5.99 -21.46
N GLU A 52 15.07 7.23 -21.06
CA GLU A 52 15.72 8.30 -21.87
C GLU A 52 16.78 7.70 -22.81
N ASP A 53 17.50 6.67 -22.35
CA ASP A 53 18.62 6.03 -23.11
C ASP A 53 18.33 4.53 -23.35
N GLY A 54 17.11 4.08 -23.09
CA GLY A 54 16.71 2.67 -23.26
C GLY A 54 17.48 1.71 -22.36
N LEU A 55 18.05 2.21 -21.25
CA LEU A 55 18.88 1.41 -20.31
C LEU A 55 18.44 1.68 -18.86
N ALA A 56 18.61 2.91 -18.35
CA ALA A 56 18.30 3.25 -16.94
C ALA A 56 17.92 4.74 -16.72
N LEU A 57 18.54 5.70 -17.43
CA LEU A 57 18.32 7.16 -17.21
C LEU A 57 16.84 7.51 -17.45
N PRO A 58 16.17 8.18 -16.49
CA PRO A 58 14.73 8.43 -16.61
C PRO A 58 14.46 9.67 -17.46
N PHE A 59 13.29 9.74 -18.09
CA PHE A 59 12.85 10.88 -18.92
C PHE A 59 12.79 12.13 -18.04
N GLY A 60 13.41 13.23 -18.49
CA GLY A 60 13.53 14.49 -17.75
C GLY A 60 14.90 14.67 -17.11
N TRP A 61 15.77 13.66 -17.25
CA TRP A 61 17.14 13.64 -16.67
C TRP A 61 18.02 14.69 -17.37
N THR A 62 18.01 14.70 -18.69
CA THR A 62 18.94 15.49 -19.56
C THR A 62 18.15 16.66 -20.13
N GLN A 63 18.56 17.91 -19.81
CA GLN A 63 17.79 19.16 -20.07
C GLN A 63 17.71 19.46 -21.57
N ARG A 64 17.38 18.49 -22.44
CA ARG A 64 17.85 18.50 -23.85
C ARG A 64 17.28 17.31 -24.66
N LYS A 65 17.33 16.09 -24.12
CA LYS A 65 16.72 14.87 -24.73
C LYS A 65 15.22 14.88 -24.48
N THR A 66 14.43 15.07 -25.53
CA THR A 66 12.93 15.18 -25.49
C THR A 66 12.29 13.79 -25.31
N ARG A 67 10.95 13.74 -25.26
CA ARG A 67 10.15 12.49 -25.37
C ARG A 67 9.10 12.66 -26.49
N ASN A 68 9.23 11.87 -27.54
CA ASN A 68 8.35 11.97 -28.74
C ASN A 68 8.43 13.38 -29.36
N GLY A 69 9.48 14.17 -29.05
CA GLY A 69 9.76 15.47 -29.67
C GLY A 69 9.53 16.65 -28.74
N PHE A 70 9.10 16.41 -27.50
CA PHE A 70 8.73 17.43 -26.50
C PHE A 70 9.44 17.19 -25.17
N ARG A 71 9.82 18.27 -24.50
CA ARG A 71 10.23 18.27 -23.07
C ARG A 71 9.10 17.67 -22.24
N VAL A 72 9.46 16.92 -21.20
CA VAL A 72 8.50 16.44 -20.17
C VAL A 72 8.31 17.58 -19.16
N PRO A 73 7.07 17.87 -18.72
CA PRO A 73 6.83 18.97 -17.79
C PRO A 73 7.40 18.60 -16.42
N LEU A 74 7.95 19.57 -15.69
CA LEU A 74 8.43 19.35 -14.31
C LEU A 74 7.32 18.67 -13.50
N ALA A 75 7.67 17.63 -12.74
CA ALA A 75 6.77 16.83 -11.90
C ALA A 75 5.89 17.77 -11.06
N ARG A 76 6.52 18.74 -10.42
CA ARG A 76 5.92 19.68 -9.44
C ARG A 76 5.00 20.66 -10.18
N GLU A 77 5.34 21.08 -11.40
CA GLU A 77 4.45 21.94 -12.21
C GLU A 77 3.11 21.20 -12.45
N VAL A 78 3.18 19.95 -12.90
CA VAL A 78 2.01 19.02 -13.06
C VAL A 78 1.22 19.01 -11.75
N SER A 79 1.89 18.80 -10.62
CA SER A 79 1.27 18.78 -9.27
C SER A 79 0.53 20.10 -9.02
N ASN A 80 1.25 21.22 -9.13
CA ASN A 80 0.74 22.60 -8.88
C ASN A 80 -0.48 22.89 -9.75
N LYS A 81 -0.44 22.54 -11.03
CA LYS A 81 -1.41 23.07 -12.03
C LYS A 81 -2.61 22.13 -12.20
N ILE A 82 -2.50 20.85 -11.81
CA ILE A 82 -3.55 19.84 -12.10
C ILE A 82 -4.00 19.19 -10.80
N VAL A 83 -3.06 18.83 -9.94
CA VAL A 83 -3.32 17.89 -8.83
C VAL A 83 -3.84 18.66 -7.62
N GLY A 84 -3.38 19.90 -7.46
CA GLY A 84 -3.69 20.73 -6.29
C GLY A 84 -5.10 21.30 -6.27
N TYR A 85 -5.54 21.73 -5.09
CA TYR A 85 -6.85 22.36 -4.79
C TYR A 85 -6.80 22.92 -3.36
N LEU A 86 -7.78 23.76 -3.03
CA LEU A 86 -7.84 24.59 -1.81
C LEU A 86 -9.07 24.24 -0.97
N ASP A 87 -10.23 24.09 -1.60
CA ASP A 87 -11.53 24.02 -0.89
C ASP A 87 -11.84 22.55 -0.53
N GLU A 88 -11.73 22.18 0.74
CA GLU A 88 -11.98 20.79 1.20
C GLU A 88 -13.48 20.52 1.35
N GLU A 89 -14.33 21.55 1.29
CA GLU A 89 -15.81 21.36 1.26
C GLU A 89 -16.16 20.53 0.02
N GLY A 90 -17.15 19.63 0.17
CA GLY A 90 -17.79 18.88 -0.92
C GLY A 90 -16.96 17.74 -1.47
N VAL A 91 -15.85 17.37 -0.82
CA VAL A 91 -14.82 16.49 -1.43
C VAL A 91 -15.00 15.05 -0.94
N LEU A 92 -15.67 14.87 0.20
CA LEU A 92 -15.78 13.55 0.87
C LEU A 92 -16.74 12.68 0.07
N ASP A 93 -16.39 11.39 -0.07
CA ASP A 93 -17.18 10.35 -0.75
C ASP A 93 -18.39 9.97 0.14
N GLN A 94 -19.60 10.21 -0.33
CA GLN A 94 -20.87 10.03 0.44
C GLN A 94 -21.22 8.54 0.63
N ASN A 95 -20.38 7.59 0.17
CA ASN A 95 -20.70 6.14 0.18
C ASN A 95 -19.46 5.27 0.41
N ARG A 96 -18.30 5.84 0.73
CA ARG A 96 -17.13 5.05 1.16
C ARG A 96 -16.60 5.65 2.48
N SER A 97 -16.54 4.86 3.53
CA SER A 97 -15.93 5.25 4.83
C SER A 97 -14.42 5.48 4.66
N LEU A 98 -13.76 5.93 5.72
CA LEU A 98 -12.29 6.13 5.75
C LEU A 98 -11.60 4.75 5.74
N LEU A 99 -12.28 3.72 6.28
CA LEU A 99 -11.76 2.34 6.23
C LEU A 99 -11.49 1.92 4.78
N PHE A 100 -12.23 2.46 3.81
CA PHE A 100 -12.08 2.14 2.37
C PHE A 100 -10.68 2.55 1.93
N MET A 101 -10.34 3.82 2.13
CA MET A 101 -8.97 4.33 1.93
C MET A 101 -7.99 3.42 2.68
N GLN A 102 -8.26 3.09 3.95
CA GLN A 102 -7.23 2.45 4.80
C GLN A 102 -6.94 1.03 4.33
N TRP A 103 -7.95 0.26 3.92
CA TRP A 103 -7.75 -1.14 3.48
C TRP A 103 -6.92 -1.19 2.18
N GLY A 104 -7.04 -0.15 1.35
CA GLY A 104 -6.28 -0.02 0.10
C GLY A 104 -4.79 0.05 0.37
N GLN A 105 -4.40 0.77 1.43
CA GLN A 105 -2.97 0.97 1.81
C GLN A 105 -2.45 -0.33 2.43
N ILE A 106 -3.27 -0.95 3.29
CA ILE A 106 -3.00 -2.30 3.86
C ILE A 106 -2.69 -3.27 2.71
N VAL A 107 -3.62 -3.46 1.80
CA VAL A 107 -3.47 -4.45 0.68
C VAL A 107 -2.23 -4.08 -0.15
N ASP A 108 -2.08 -2.82 -0.57
CA ASP A 108 -0.89 -2.30 -1.30
C ASP A 108 0.38 -2.77 -0.58
N HIS A 109 0.50 -2.43 0.71
CA HIS A 109 1.76 -2.65 1.49
C HIS A 109 2.03 -4.17 1.60
N ASP A 110 0.99 -5.01 1.56
CA ASP A 110 1.12 -6.49 1.50
C ASP A 110 1.81 -6.91 0.19
N LEU A 111 1.60 -6.17 -0.91
CA LEU A 111 1.89 -6.68 -2.29
C LEU A 111 3.21 -6.14 -2.84
N ASP A 112 3.52 -4.85 -2.64
CA ASP A 112 4.68 -4.21 -3.32
C ASP A 112 5.33 -3.15 -2.45
N PHE A 113 6.66 -3.06 -2.57
CA PHE A 113 7.51 -2.02 -1.97
C PHE A 113 8.84 -2.01 -2.72
N ALA A 114 9.12 -0.92 -3.45
CA ALA A 114 10.45 -0.64 -4.02
C ALA A 114 11.13 0.39 -3.13
N PRO A 115 11.93 -0.04 -2.13
CA PRO A 115 12.72 0.89 -1.32
C PRO A 115 13.80 1.58 -2.16
N GLU A 116 14.25 2.76 -1.71
CA GLU A 116 15.42 3.50 -2.25
C GLU A 116 16.71 2.72 -1.97
N THR A 117 17.75 3.00 -2.74
CA THR A 117 19.14 2.49 -2.54
C THR A 117 19.66 3.03 -1.20
N GLU A 118 20.18 2.16 -0.33
CA GLU A 118 20.65 2.53 1.04
C GLU A 118 22.18 2.70 1.03
N LEU A 119 22.82 2.50 -0.13
CA LEU A 119 24.16 3.07 -0.44
C LEU A 119 23.96 4.56 -0.72
N GLY A 120 24.62 5.42 0.07
CA GLY A 120 24.30 6.86 0.23
C GLY A 120 24.07 7.21 1.69
N SER A 121 23.86 6.18 2.51
CA SER A 121 24.10 6.16 3.98
C SER A 121 25.61 5.90 4.22
N ASN A 122 26.17 6.44 5.32
CA ASN A 122 27.64 6.58 5.56
C ASN A 122 28.25 7.52 4.51
N GLU A 123 27.45 8.46 3.99
CA GLU A 123 27.80 9.33 2.83
C GLU A 123 27.07 10.68 2.93
N HIS A 124 27.78 11.75 2.55
CA HIS A 124 27.31 13.17 2.44
C HIS A 124 26.27 13.31 1.31
N SER A 125 26.26 12.38 0.35
CA SER A 125 25.39 12.38 -0.87
C SER A 125 23.93 12.66 -0.51
N LYS A 126 23.47 12.13 0.64
CA LYS A 126 22.15 12.41 1.26
C LYS A 126 21.96 13.92 1.46
N THR A 127 22.96 14.58 2.07
CA THR A 127 22.91 15.96 2.61
C THR A 127 23.07 17.00 1.48
N GLN A 128 23.74 16.68 0.38
CA GLN A 128 23.99 17.65 -0.72
C GLN A 128 23.26 17.21 -2.01
N CYS A 129 22.48 16.13 -1.97
CA CYS A 129 21.23 15.99 -2.76
C CYS A 129 20.20 16.94 -2.14
N GLU A 130 20.13 16.93 -0.81
CA GLU A 130 19.28 17.83 0.03
C GLU A 130 19.56 19.29 -0.33
N GLU A 131 20.70 19.83 0.13
CA GLU A 131 20.96 21.30 0.20
C GLU A 131 21.22 21.87 -1.20
N TYR A 132 22.14 21.27 -1.96
CA TYR A 132 22.72 21.88 -3.18
C TYR A 132 21.82 21.59 -4.39
N CYS A 133 20.98 20.55 -4.30
CA CYS A 133 19.99 20.12 -5.34
C CYS A 133 20.71 19.80 -6.65
N ILE A 134 21.78 18.99 -6.57
CA ILE A 134 22.69 18.68 -7.71
C ILE A 134 22.41 17.24 -8.16
N GLN A 135 21.74 17.10 -9.30
CA GLN A 135 21.32 15.81 -9.92
C GLN A 135 22.56 14.99 -10.29
N GLY A 136 22.67 13.78 -9.74
CA GLY A 136 23.73 12.81 -10.06
C GLY A 136 23.40 11.42 -9.55
N ASP A 137 23.69 10.40 -10.37
CA ASP A 137 23.53 8.97 -10.01
C ASP A 137 22.10 8.70 -9.54
N ASN A 138 21.92 8.43 -8.24
CA ASN A 138 20.63 7.97 -7.66
C ASN A 138 19.96 9.14 -6.92
N CYS A 139 20.59 10.31 -6.93
CA CYS A 139 19.98 11.59 -6.51
C CYS A 139 19.28 12.18 -7.72
N PHE A 140 17.95 12.11 -7.75
CA PHE A 140 17.10 12.60 -8.87
C PHE A 140 16.12 13.65 -8.36
N PRO A 141 16.61 14.88 -8.11
CA PRO A 141 15.88 15.84 -7.27
C PRO A 141 14.70 16.45 -8.05
N ILE A 142 13.67 16.89 -7.31
CA ILE A 142 12.42 17.48 -7.86
C ILE A 142 12.59 19.01 -7.87
N MET A 143 12.88 19.58 -9.04
CA MET A 143 13.11 21.04 -9.19
C MET A 143 11.75 21.74 -9.18
N PHE A 144 11.66 22.89 -8.52
CA PHE A 144 10.44 23.74 -8.46
C PHE A 144 10.36 24.63 -9.70
N PRO A 145 9.17 24.73 -10.36
CA PRO A 145 9.02 25.64 -11.49
C PRO A 145 9.02 27.12 -11.05
N LYS A 146 9.01 28.04 -12.00
CA LYS A 146 8.94 29.51 -11.73
C LYS A 146 7.64 29.81 -10.99
N ASN A 147 7.71 30.68 -9.98
CA ASN A 147 6.56 31.21 -9.18
C ASN A 147 6.01 30.15 -8.23
N ASP A 148 6.76 29.06 -7.98
CA ASP A 148 6.37 28.04 -6.98
C ASP A 148 6.60 28.61 -5.60
N PRO A 149 5.55 28.73 -4.76
CA PRO A 149 5.71 29.19 -3.39
C PRO A 149 6.85 28.53 -2.60
N LYS A 150 7.17 27.25 -2.87
CA LYS A 150 8.28 26.56 -2.13
C LYS A 150 9.64 27.19 -2.51
N LEU A 151 9.75 27.83 -3.68
CA LEU A 151 10.94 28.63 -4.06
C LEU A 151 11.29 29.61 -2.93
N LYS A 152 10.28 30.17 -2.25
CA LYS A 152 10.44 31.26 -1.26
C LYS A 152 10.83 30.68 0.10
N THR A 153 10.27 29.53 0.47
CA THR A 153 10.28 29.03 1.87
C THR A 153 11.15 27.77 2.05
N GLN A 154 11.62 27.13 0.97
CA GLN A 154 12.21 25.77 1.02
C GLN A 154 13.42 25.57 0.08
N GLY A 155 13.91 26.59 -0.62
CA GLY A 155 14.99 26.40 -1.61
C GLY A 155 14.48 25.92 -2.95
N LYS A 156 15.32 25.24 -3.75
CA LYS A 156 15.15 25.06 -5.21
C LYS A 156 14.48 23.72 -5.55
N CYS A 157 14.73 22.67 -4.75
CA CYS A 157 14.19 21.31 -4.98
C CYS A 157 13.57 20.77 -3.69
N MET A 158 12.79 19.71 -3.81
CA MET A 158 12.60 18.73 -2.70
C MET A 158 13.40 17.50 -3.12
N PRO A 159 14.16 16.90 -2.19
CA PRO A 159 15.03 15.77 -2.53
C PRO A 159 14.21 14.54 -2.94
N PHE A 160 14.90 13.60 -3.58
CA PHE A 160 14.34 12.40 -4.25
C PHE A 160 15.49 11.49 -4.65
N PHE A 161 15.43 10.22 -4.23
CA PHE A 161 16.47 9.19 -4.49
C PHE A 161 15.86 8.06 -5.28
N ARG A 162 16.59 7.55 -6.27
CA ARG A 162 16.07 6.51 -7.20
C ARG A 162 15.88 5.19 -6.46
N ALA A 163 14.89 4.42 -6.94
CA ALA A 163 14.48 3.09 -6.43
C ALA A 163 15.58 2.06 -6.66
N GLY A 164 15.75 1.15 -5.71
CA GLY A 164 16.66 -0.01 -5.80
C GLY A 164 16.31 -0.89 -6.98
N PHE A 165 17.33 -1.44 -7.64
CA PHE A 165 17.18 -2.30 -8.85
C PHE A 165 18.09 -3.53 -8.69
N VAL A 166 17.84 -4.55 -9.50
CA VAL A 166 18.38 -5.94 -9.32
C VAL A 166 19.77 -6.06 -9.94
N CYS A 167 20.41 -7.20 -9.65
CA CYS A 167 21.76 -7.66 -10.07
C CYS A 167 22.80 -6.73 -9.45
N PRO A 168 23.32 -5.67 -10.14
CA PRO A 168 24.12 -4.66 -9.46
C PRO A 168 23.32 -3.89 -8.39
N THR A 169 23.80 -2.72 -7.99
CA THR A 169 23.05 -1.66 -7.25
C THR A 169 23.75 -0.32 -7.43
N PRO A 170 25.09 -0.19 -7.21
CA PRO A 170 25.87 0.87 -7.84
C PRO A 170 26.24 0.70 -9.32
N PRO A 171 26.94 -0.38 -9.77
CA PRO A 171 27.61 -0.41 -11.08
C PRO A 171 26.79 -0.24 -12.39
N TYR A 172 27.51 -0.37 -13.52
CA TYR A 172 27.13 0.01 -14.91
C TYR A 172 26.19 -1.05 -15.53
N GLN A 173 25.43 -0.62 -16.55
CA GLN A 173 24.84 -1.46 -17.64
C GLN A 173 23.57 -2.15 -17.15
N SER A 174 22.64 -2.40 -18.07
CA SER A 174 21.33 -3.08 -17.84
C SER A 174 20.84 -3.73 -19.14
N LEU A 175 20.35 -4.97 -19.07
CA LEU A 175 19.37 -5.54 -20.05
C LEU A 175 18.28 -4.48 -20.23
N ALA A 176 17.98 -3.79 -19.11
CA ALA A 176 17.15 -2.58 -18.94
C ALA A 176 16.77 -2.55 -17.46
N ARG A 177 17.07 -1.48 -16.73
CA ARG A 177 16.95 -1.38 -15.25
C ARG A 177 15.55 -1.80 -14.79
N GLU A 178 15.47 -2.81 -13.93
CA GLU A 178 14.21 -3.35 -13.36
C GLU A 178 14.23 -3.12 -11.84
N GLN A 179 13.24 -2.40 -11.31
CA GLN A 179 13.16 -2.02 -9.88
C GLN A 179 12.77 -3.28 -9.09
N ILE A 180 13.14 -3.34 -7.81
CA ILE A 180 12.95 -4.54 -6.93
C ILE A 180 11.60 -4.42 -6.22
N ASN A 181 10.96 -5.55 -5.95
CA ASN A 181 9.86 -5.71 -4.97
C ASN A 181 10.40 -6.38 -3.71
N ALA A 182 10.42 -5.67 -2.58
CA ALA A 182 11.04 -6.08 -1.29
C ALA A 182 10.07 -6.90 -0.42
N VAL A 183 8.83 -7.09 -0.86
CA VAL A 183 7.81 -7.89 -0.10
C VAL A 183 7.25 -8.99 -1.02
N THR A 184 6.58 -9.98 -0.44
CA THR A 184 6.02 -11.15 -1.16
C THR A 184 4.80 -10.72 -1.99
N SER A 185 4.78 -11.05 -3.28
CA SER A 185 3.69 -10.67 -4.23
C SER A 185 2.34 -11.32 -3.83
N PHE A 186 2.36 -12.48 -3.15
CA PHE A 186 1.12 -13.16 -2.68
C PHE A 186 0.47 -12.37 -1.53
N LEU A 187 -0.85 -12.19 -1.59
CA LEU A 187 -1.68 -11.61 -0.50
C LEU A 187 -1.74 -12.63 0.66
N ASP A 188 -0.77 -12.49 1.56
CA ASP A 188 -0.26 -13.53 2.48
C ASP A 188 -0.01 -12.97 3.88
N ALA A 189 -0.44 -11.73 4.13
CA ALA A 189 -0.30 -11.03 5.42
C ALA A 189 1.19 -10.77 5.75
N SER A 190 2.04 -10.72 4.73
CA SER A 190 3.49 -10.39 4.84
C SER A 190 3.74 -9.04 5.52
N LEU A 191 2.79 -8.11 5.49
CA LEU A 191 2.90 -6.82 6.22
C LEU A 191 2.76 -7.03 7.73
N VAL A 192 2.23 -8.18 8.16
CA VAL A 192 2.07 -8.52 9.61
C VAL A 192 3.31 -9.27 10.09
N TYR A 193 3.85 -10.21 9.29
CA TYR A 193 4.81 -11.25 9.76
C TYR A 193 6.23 -11.01 9.24
N GLY A 194 6.35 -10.35 8.08
CA GLY A 194 7.62 -10.05 7.41
C GLY A 194 7.80 -10.84 6.13
N SER A 195 8.71 -10.37 5.27
CA SER A 195 9.10 -10.98 3.98
C SER A 195 10.57 -11.44 4.01
N GLU A 196 11.37 -10.95 4.95
CA GLU A 196 12.69 -11.55 5.31
C GLU A 196 12.47 -12.37 6.57
N PRO A 197 13.09 -13.56 6.73
CA PRO A 197 12.88 -14.38 7.92
C PRO A 197 13.57 -13.82 9.17
N SER A 198 14.66 -13.06 8.99
CA SER A 198 15.33 -12.25 10.05
C SER A 198 14.27 -11.53 10.89
N LEU A 199 13.59 -10.57 10.25
CA LEU A 199 12.57 -9.69 10.86
C LEU A 199 11.41 -10.53 11.38
N ALA A 200 11.06 -11.64 10.71
CA ALA A 200 9.89 -12.48 11.04
C ALA A 200 10.09 -13.07 12.43
N SER A 201 11.25 -13.68 12.69
CA SER A 201 11.65 -14.26 13.99
C SER A 201 11.66 -13.15 15.05
N ARG A 202 12.17 -11.99 14.68
CA ARG A 202 12.28 -10.81 15.58
C ARG A 202 10.89 -10.31 16.01
N LEU A 203 9.84 -10.61 15.25
CA LEU A 203 8.46 -10.14 15.54
C LEU A 203 7.76 -11.14 16.46
N ARG A 204 8.30 -12.35 16.57
CA ARG A 204 7.71 -13.48 17.34
C ARG A 204 8.15 -13.39 18.81
N ASN A 205 7.26 -13.76 19.74
CA ASN A 205 7.60 -14.08 21.16
C ASN A 205 8.02 -15.55 21.19
N LEU A 206 9.33 -15.79 21.15
CA LEU A 206 9.93 -17.14 21.23
C LEU A 206 10.09 -17.56 22.70
N SER A 207 10.04 -16.61 23.65
CA SER A 207 10.05 -16.82 25.13
C SER A 207 8.97 -17.85 25.51
N SER A 208 7.70 -17.51 25.33
CA SER A 208 6.58 -18.47 25.40
C SER A 208 6.83 -19.57 24.38
N PRO A 209 6.23 -20.77 24.54
CA PRO A 209 6.13 -21.75 23.45
C PRO A 209 4.81 -21.62 22.68
N LEU A 210 4.14 -20.48 22.82
CA LEU A 210 2.73 -20.27 22.37
C LEU A 210 2.71 -19.75 20.93
N GLY A 211 3.89 -19.61 20.30
CA GLY A 211 4.04 -18.97 18.98
C GLY A 211 3.16 -17.73 18.89
N LEU A 212 3.21 -16.88 19.92
CA LEU A 212 2.55 -15.55 19.94
C LEU A 212 3.45 -14.60 19.17
N MET A 213 2.88 -13.46 18.76
CA MET A 213 3.61 -12.32 18.18
C MET A 213 4.04 -11.43 19.35
N ALA A 214 5.27 -10.90 19.28
CA ALA A 214 5.83 -9.95 20.27
C ALA A 214 4.89 -8.77 20.38
N VAL A 215 4.71 -8.25 21.61
CA VAL A 215 3.83 -7.09 21.93
C VAL A 215 4.69 -6.04 22.63
N ASN A 216 4.19 -4.81 22.76
CA ASN A 216 4.85 -3.72 23.55
C ASN A 216 4.92 -4.16 25.02
N GLN A 217 6.06 -3.93 25.67
CA GLN A 217 6.20 -4.15 27.13
C GLN A 217 6.18 -2.79 27.84
N GLU A 218 6.51 -1.70 27.13
CA GLU A 218 6.53 -0.32 27.70
C GLU A 218 5.09 0.18 27.96
N ALA A 219 4.09 -0.11 27.11
CA ALA A 219 2.77 0.57 27.14
C ALA A 219 1.64 -0.29 26.57
N TRP A 220 0.41 -0.06 27.05
CA TRP A 220 -0.80 -0.91 26.82
C TRP A 220 -2.03 -0.03 26.54
N ASP A 221 -3.03 -0.57 25.84
CA ASP A 221 -4.30 0.13 25.46
C ASP A 221 -5.46 -0.48 26.24
N HIS A 222 -5.80 0.11 27.39
CA HIS A 222 -6.84 -0.39 28.34
C HIS A 222 -6.72 -1.92 28.48
N GLY A 223 -5.48 -2.42 28.53
CA GLY A 223 -5.17 -3.86 28.67
C GLY A 223 -4.76 -4.51 27.37
N LEU A 224 -5.32 -4.05 26.25
CA LEU A 224 -5.09 -4.62 24.90
C LEU A 224 -3.70 -4.18 24.40
N ALA A 225 -3.04 -5.06 23.66
CA ALA A 225 -1.60 -4.97 23.27
C ALA A 225 -1.41 -3.89 22.21
N TYR A 226 -0.23 -3.30 22.19
CA TYR A 226 0.27 -2.44 21.10
C TYR A 226 1.39 -3.21 20.37
N LEU A 227 1.76 -2.73 19.19
CA LEU A 227 2.97 -3.24 18.48
C LEU A 227 4.19 -2.93 19.34
N PRO A 228 5.26 -3.77 19.30
CA PRO A 228 6.54 -3.39 19.89
C PRO A 228 7.16 -2.20 19.17
N PHE A 229 7.85 -1.33 19.89
CA PHE A 229 8.58 -0.16 19.33
C PHE A 229 9.77 -0.63 18.51
N ASN A 230 10.05 0.00 17.36
CA ASN A 230 11.39 -0.13 16.72
C ASN A 230 12.39 0.64 17.58
N ASN A 231 13.24 -0.07 18.32
CA ASN A 231 14.12 0.52 19.36
C ASN A 231 15.44 1.02 18.74
N LYS A 232 15.52 1.20 17.42
CA LYS A 232 16.75 1.61 16.71
C LYS A 232 16.57 3.01 16.08
N LYS A 233 17.56 3.88 16.26
CA LYS A 233 17.53 5.35 15.99
C LYS A 233 18.50 5.72 14.86
N PRO A 234 18.18 6.73 14.01
CA PRO A 234 17.09 7.67 14.27
C PRO A 234 15.68 7.07 14.08
N SER A 235 14.70 7.61 14.80
CA SER A 235 13.25 7.29 14.67
C SER A 235 12.52 8.56 14.21
N PRO A 236 11.88 8.57 13.01
CA PRO A 236 11.20 9.78 12.55
C PRO A 236 9.96 10.07 13.40
N CYS A 237 9.51 9.10 14.19
CA CYS A 237 8.36 9.23 15.13
C CYS A 237 8.79 9.93 16.42
N GLU A 238 10.05 9.76 16.82
CA GLU A 238 10.66 10.56 17.92
C GLU A 238 10.78 12.00 17.41
N PHE A 239 11.39 12.17 16.23
CA PHE A 239 11.70 13.49 15.60
C PHE A 239 10.49 14.44 15.58
N ILE A 240 9.25 13.95 15.42
CA ILE A 240 8.05 14.83 15.24
C ILE A 240 7.53 15.36 16.58
N ASN A 241 7.80 14.71 17.72
CA ASN A 241 7.51 15.23 19.08
C ASN A 241 8.58 14.65 20.01
N THR A 242 9.62 15.44 20.30
CA THR A 242 10.79 15.05 21.11
C THR A 242 10.40 14.96 22.59
N THR A 243 9.62 15.91 23.10
CA THR A 243 9.01 15.83 24.46
C THR A 243 8.48 14.40 24.69
N ALA A 244 7.62 13.93 23.78
CA ALA A 244 6.94 12.61 23.86
C ALA A 244 7.97 11.50 23.63
N ARG A 245 8.97 11.76 22.77
CA ARG A 245 9.96 10.79 22.25
C ARG A 245 9.35 9.39 22.28
N VAL A 246 8.29 9.19 21.50
CA VAL A 246 7.61 7.87 21.30
C VAL A 246 8.03 7.36 19.92
N PRO A 247 8.85 6.27 19.85
CA PRO A 247 9.39 5.80 18.56
C PRO A 247 8.31 5.21 17.64
N CYS A 248 8.69 4.86 16.41
CA CYS A 248 7.80 4.16 15.45
C CYS A 248 7.58 2.73 15.93
N PHE A 249 6.45 2.14 15.51
CA PHE A 249 6.09 0.72 15.75
C PHE A 249 6.90 -0.17 14.81
N LEU A 250 7.20 -1.39 15.28
CA LEU A 250 7.88 -2.46 14.50
C LEU A 250 6.82 -3.46 14.00
N ALA A 251 6.62 -3.53 12.68
CA ALA A 251 5.79 -4.55 11.99
C ALA A 251 6.60 -5.18 10.85
N GLY A 252 6.02 -6.21 10.23
CA GLY A 252 6.61 -6.92 9.08
C GLY A 252 6.72 -6.04 7.86
N ASP A 253 6.03 -4.89 7.85
CA ASP A 253 6.25 -3.83 6.83
C ASP A 253 6.98 -2.64 7.44
N PHE A 254 7.99 -2.13 6.71
CA PHE A 254 8.83 -0.96 7.05
C PHE A 254 7.95 0.31 7.28
N ARG A 255 6.80 0.40 6.60
CA ARG A 255 6.03 1.68 6.46
C ARG A 255 4.87 1.75 7.45
N ALA A 256 4.78 0.83 8.41
CA ALA A 256 3.64 0.71 9.33
C ALA A 256 3.30 2.04 10.01
N SER A 257 4.27 2.92 10.25
CA SER A 257 4.03 4.19 11.00
C SER A 257 3.94 5.42 10.07
N GLU A 258 3.84 5.24 8.75
CA GLU A 258 3.80 6.40 7.80
C GLU A 258 2.70 7.36 8.22
N GLN A 259 1.53 6.85 8.65
CA GLN A 259 0.44 7.68 9.20
C GLN A 259 -0.33 6.90 10.28
N ILE A 260 -0.95 7.62 11.23
CA ILE A 260 -1.45 7.08 12.53
C ILE A 260 -2.54 6.01 12.33
N LEU A 261 -3.27 6.00 11.20
CA LEU A 261 -4.36 5.01 10.95
C LEU A 261 -3.82 3.72 10.34
N LEU A 262 -2.70 3.77 9.63
CA LEU A 262 -2.00 2.57 9.13
C LEU A 262 -1.48 1.76 10.34
N ALA A 263 -0.93 2.42 11.35
CA ALA A 263 -0.38 1.77 12.56
C ALA A 263 -1.54 1.23 13.41
N THR A 264 -2.65 1.94 13.39
CA THR A 264 -3.95 1.52 14.00
C THR A 264 -4.38 0.20 13.37
N ALA A 265 -4.48 0.14 12.04
CA ALA A 265 -4.88 -1.05 11.27
C ALA A 265 -3.91 -2.19 11.54
N HIS A 266 -2.60 -1.92 11.50
CA HIS A 266 -1.53 -2.89 11.86
C HIS A 266 -1.84 -3.46 13.24
N THR A 267 -2.13 -2.60 14.23
CA THR A 267 -2.35 -3.01 15.64
C THR A 267 -3.59 -3.92 15.73
N LEU A 268 -4.65 -3.70 14.95
CA LEU A 268 -5.84 -4.61 14.89
C LEU A 268 -5.40 -5.99 14.40
N LEU A 269 -4.58 -6.04 13.36
CA LEU A 269 -4.08 -7.29 12.73
C LEU A 269 -3.20 -8.07 13.71
N LEU A 270 -2.28 -7.43 14.43
CA LEU A 270 -1.43 -8.12 15.42
C LEU A 270 -2.34 -8.84 16.42
N ARG A 271 -3.18 -8.08 17.14
CA ARG A 271 -4.11 -8.59 18.19
C ARG A 271 -4.89 -9.78 17.64
N GLU A 272 -5.36 -9.67 16.40
CA GLU A 272 -6.07 -10.76 15.70
C GLU A 272 -5.20 -12.01 15.68
N HIS A 273 -3.88 -11.87 15.47
CA HIS A 273 -2.95 -13.03 15.49
C HIS A 273 -3.01 -13.70 16.86
N ASN A 274 -2.51 -13.01 17.89
CA ASN A 274 -2.45 -13.46 19.32
C ASN A 274 -3.84 -13.91 19.77
N ARG A 275 -4.90 -13.23 19.35
CA ARG A 275 -6.27 -13.67 19.69
C ARG A 275 -6.43 -15.10 19.14
N LEU A 276 -6.05 -15.31 17.88
CA LEU A 276 -6.24 -16.60 17.15
C LEU A 276 -5.33 -17.68 17.76
N ALA A 277 -4.08 -17.32 18.03
CA ALA A 277 -3.01 -18.19 18.57
C ALA A 277 -3.46 -18.78 19.91
N ARG A 278 -3.91 -17.96 20.85
CA ARG A 278 -4.16 -18.40 22.26
C ARG A 278 -5.57 -19.01 22.36
N GLU A 279 -6.40 -18.84 21.32
CA GLU A 279 -7.73 -19.51 21.23
C GLU A 279 -7.56 -20.93 20.70
N LEU A 280 -6.64 -21.14 19.75
CA LEU A 280 -6.25 -22.47 19.20
C LEU A 280 -5.71 -23.34 20.33
N LYS A 281 -4.90 -22.77 21.22
CA LYS A 281 -4.25 -23.50 22.35
C LYS A 281 -5.32 -24.13 23.25
N LYS A 282 -6.34 -23.37 23.68
CA LYS A 282 -7.54 -23.90 24.38
C LYS A 282 -7.99 -25.18 23.65
N LEU A 283 -8.31 -25.04 22.35
CA LEU A 283 -8.88 -26.09 21.45
C LEU A 283 -7.92 -27.28 21.31
N ASN A 284 -6.65 -26.99 21.02
CA ASN A 284 -5.57 -27.98 20.71
C ASN A 284 -4.36 -27.72 21.61
N PRO A 285 -4.39 -28.16 22.89
CA PRO A 285 -3.32 -27.84 23.85
C PRO A 285 -1.95 -28.48 23.58
N HIS A 286 -1.91 -29.54 22.76
CA HIS A 286 -0.67 -30.30 22.41
C HIS A 286 0.18 -29.53 21.39
N TRP A 287 -0.43 -28.76 20.50
CA TRP A 287 0.27 -27.98 19.43
C TRP A 287 1.34 -27.08 20.04
N ASN A 288 2.58 -27.20 19.57
CA ASN A 288 3.71 -26.31 19.98
C ASN A 288 3.49 -24.92 19.39
N GLY A 289 4.42 -23.99 19.63
CA GLY A 289 4.37 -22.60 19.13
C GLY A 289 4.40 -22.55 17.61
N GLU A 290 5.40 -23.20 17.00
CA GLU A 290 5.61 -23.20 15.53
C GLU A 290 4.31 -23.57 14.82
N LYS A 291 3.47 -24.41 15.40
CA LYS A 291 2.19 -24.79 14.76
C LYS A 291 1.08 -23.79 15.13
N LEU A 292 1.17 -23.12 16.29
CA LEU A 292 0.21 -22.06 16.71
C LEU A 292 0.44 -20.81 15.83
N TYR A 293 1.69 -20.38 15.72
CA TYR A 293 2.09 -19.27 14.83
C TYR A 293 1.50 -19.52 13.45
N GLN A 294 1.98 -20.58 12.80
CA GLN A 294 1.80 -20.87 11.35
C GLN A 294 0.32 -21.04 11.01
N GLU A 295 -0.45 -21.62 11.92
CA GLU A 295 -1.86 -22.04 11.69
C GLU A 295 -2.76 -20.81 11.91
N ALA A 296 -2.35 -19.91 12.80
CA ALA A 296 -2.93 -18.55 12.97
C ALA A 296 -2.48 -17.62 11.82
N ARG A 297 -1.19 -17.69 11.44
CA ARG A 297 -0.59 -16.95 10.29
C ARG A 297 -1.31 -17.36 8.99
N LYS A 298 -1.78 -18.61 8.90
CA LYS A 298 -2.49 -19.16 7.73
C LYS A 298 -3.93 -18.61 7.69
N ILE A 299 -4.57 -18.40 8.84
CA ILE A 299 -5.97 -17.88 8.93
C ILE A 299 -5.98 -16.37 8.68
N LEU A 300 -5.05 -15.62 9.29
CA LEU A 300 -4.96 -14.16 9.07
C LEU A 300 -4.85 -13.93 7.56
N GLY A 301 -3.91 -14.63 6.91
CA GLY A 301 -3.72 -14.61 5.45
C GLY A 301 -5.03 -14.62 4.71
N ALA A 302 -5.89 -15.61 4.97
CA ALA A 302 -7.17 -15.87 4.26
C ALA A 302 -8.19 -14.78 4.58
N PHE A 303 -8.20 -14.29 5.82
CA PHE A 303 -9.07 -13.17 6.25
C PHE A 303 -8.85 -11.99 5.30
N ILE A 304 -7.59 -11.55 5.17
CA ILE A 304 -7.15 -10.47 4.24
C ILE A 304 -7.68 -10.79 2.83
N GLN A 305 -7.53 -12.03 2.36
CA GLN A 305 -7.94 -12.45 0.98
C GLN A 305 -9.46 -12.29 0.82
N ILE A 306 -10.24 -12.72 1.81
CA ILE A 306 -11.74 -12.67 1.80
C ILE A 306 -12.16 -11.18 1.77
N ILE A 307 -11.78 -10.42 2.79
CA ILE A 307 -12.19 -8.98 2.94
C ILE A 307 -11.85 -8.25 1.64
N THR A 308 -10.62 -8.44 1.14
CA THR A 308 -10.15 -7.85 -0.14
C THR A 308 -11.11 -8.25 -1.26
N PHE A 309 -11.25 -9.55 -1.51
CA PHE A 309 -11.86 -10.06 -2.76
C PHE A 309 -13.40 -10.07 -2.67
N ARG A 310 -13.97 -10.13 -1.47
CA ARG A 310 -15.45 -10.16 -1.24
C ARG A 310 -15.98 -8.73 -1.03
N ASP A 311 -15.21 -7.84 -0.41
CA ASP A 311 -15.71 -6.52 0.07
C ASP A 311 -14.93 -5.33 -0.52
N TYR A 312 -13.63 -5.41 -0.80
CA TYR A 312 -12.84 -4.24 -1.27
C TYR A 312 -12.92 -4.13 -2.80
N LEU A 313 -12.31 -5.09 -3.49
CA LEU A 313 -12.13 -5.06 -4.96
C LEU A 313 -13.47 -4.83 -5.65
N PRO A 314 -14.56 -5.53 -5.27
CA PRO A 314 -15.91 -5.27 -5.82
C PRO A 314 -16.35 -3.81 -5.88
N ILE A 315 -16.17 -3.06 -4.79
CA ILE A 315 -16.54 -1.63 -4.68
C ILE A 315 -15.41 -0.72 -5.20
N VAL A 316 -14.26 -1.25 -5.61
CA VAL A 316 -13.22 -0.47 -6.35
C VAL A 316 -13.48 -0.59 -7.86
N LEU A 317 -13.73 -1.81 -8.35
CA LEU A 317 -13.69 -2.14 -9.80
C LEU A 317 -15.09 -2.04 -10.43
N GLY A 318 -16.13 -2.39 -9.67
CA GLY A 318 -17.55 -2.20 -10.02
C GLY A 318 -17.95 -3.00 -11.25
N SER A 319 -18.56 -2.35 -12.24
CA SER A 319 -18.98 -2.96 -13.52
C SER A 319 -17.90 -3.93 -14.03
N GLU A 320 -16.63 -3.63 -13.79
CA GLU A 320 -15.49 -4.31 -14.47
C GLU A 320 -15.02 -5.54 -13.67
N MET A 321 -15.47 -5.73 -12.43
CA MET A 321 -14.98 -6.84 -11.55
C MET A 321 -15.12 -8.18 -12.31
N GLN A 322 -16.33 -8.52 -12.72
CA GLN A 322 -16.71 -9.87 -13.23
C GLN A 322 -15.93 -10.19 -14.52
N LYS A 323 -15.44 -9.14 -15.21
CA LYS A 323 -14.70 -9.26 -16.49
C LYS A 323 -13.24 -9.67 -16.23
N TRP A 324 -12.70 -9.26 -15.08
CA TRP A 324 -11.27 -9.45 -14.71
C TRP A 324 -11.12 -10.55 -13.65
N ILE A 325 -12.05 -10.62 -12.69
CA ILE A 325 -11.98 -11.52 -11.50
C ILE A 325 -13.25 -12.35 -11.44
N PRO A 326 -13.49 -13.24 -12.46
CA PRO A 326 -14.62 -14.15 -12.44
C PRO A 326 -14.39 -15.23 -11.39
N PRO A 327 -15.38 -16.10 -11.12
CA PRO A 327 -15.26 -17.06 -10.01
C PRO A 327 -13.95 -17.86 -10.03
N TYR A 328 -13.47 -18.31 -8.87
CA TYR A 328 -12.25 -19.16 -8.74
C TYR A 328 -12.46 -20.49 -9.46
N GLN A 329 -11.57 -20.84 -10.38
CA GLN A 329 -11.59 -22.10 -11.17
C GLN A 329 -10.41 -23.00 -10.75
N GLY A 330 -9.64 -22.57 -9.72
CA GLY A 330 -8.51 -23.30 -9.14
C GLY A 330 -7.16 -22.70 -9.50
N TYR A 331 -6.11 -23.11 -8.77
CA TYR A 331 -4.69 -22.74 -9.00
C TYR A 331 -4.34 -23.02 -10.48
N ASN A 332 -3.79 -22.02 -11.18
CA ASN A 332 -3.10 -22.15 -12.50
C ASN A 332 -1.64 -21.78 -12.23
N ASN A 333 -0.76 -22.79 -12.20
CA ASN A 333 0.68 -22.67 -11.87
C ASN A 333 1.44 -22.07 -13.06
N SER A 334 0.74 -21.84 -14.17
CA SER A 334 1.24 -21.11 -15.37
C SER A 334 0.87 -19.63 -15.28
N VAL A 335 0.15 -19.21 -14.24
CA VAL A 335 -0.14 -17.77 -13.93
C VAL A 335 1.11 -17.15 -13.30
N ASP A 336 1.51 -15.98 -13.81
CA ASP A 336 2.57 -15.14 -13.19
C ASP A 336 1.99 -14.50 -11.94
N PRO A 337 2.43 -14.90 -10.72
CA PRO A 337 1.92 -14.31 -9.47
C PRO A 337 2.58 -12.97 -9.09
N ARG A 338 3.67 -12.61 -9.78
CA ARG A 338 4.43 -11.36 -9.56
C ARG A 338 3.54 -10.12 -9.70
N ILE A 339 3.77 -9.15 -8.82
CA ILE A 339 3.31 -7.74 -8.97
C ILE A 339 4.12 -7.13 -10.11
N SER A 340 3.43 -6.47 -11.05
CA SER A 340 4.03 -5.68 -12.15
C SER A 340 4.42 -4.29 -11.64
N ASN A 341 5.42 -3.71 -12.30
CA ASN A 341 5.93 -2.35 -12.02
C ASN A 341 4.78 -1.35 -12.19
N VAL A 342 3.90 -1.51 -13.19
CA VAL A 342 2.82 -0.50 -13.43
C VAL A 342 1.82 -0.57 -12.27
N PHE A 343 1.49 -1.77 -11.78
CA PHE A 343 0.54 -1.98 -10.66
C PHE A 343 0.88 -1.08 -9.46
N THR A 344 2.17 -0.96 -9.14
CA THR A 344 2.67 -0.14 -7.99
C THR A 344 2.30 1.34 -8.21
N PHE A 345 1.90 1.73 -9.42
CA PHE A 345 1.43 3.10 -9.75
C PHE A 345 -0.11 3.11 -9.93
N ALA A 346 -0.67 2.02 -10.45
CA ALA A 346 -2.13 1.90 -10.64
C ALA A 346 -2.79 1.96 -9.25
N PHE A 347 -2.17 1.33 -8.26
CA PHE A 347 -2.73 1.17 -6.90
C PHE A 347 -2.50 2.45 -6.08
N ARG A 348 -1.68 3.38 -6.59
CA ARG A 348 -1.47 4.72 -5.99
C ARG A 348 -2.71 5.60 -6.25
N PHE A 349 -3.78 5.08 -6.82
CA PHE A 349 -5.06 5.82 -6.92
C PHE A 349 -5.52 6.16 -5.50
N GLY A 350 -4.95 5.48 -4.51
CA GLY A 350 -5.35 5.64 -3.11
C GLY A 350 -5.21 7.08 -2.69
N HIS A 351 -4.18 7.77 -3.19
CA HIS A 351 -3.72 9.09 -2.69
C HIS A 351 -4.83 10.15 -2.83
N MET A 352 -5.78 9.94 -3.74
CA MET A 352 -6.89 10.90 -4.02
C MET A 352 -8.11 10.54 -3.16
N GLU A 353 -7.97 9.48 -2.36
CA GLU A 353 -9.02 8.96 -1.44
C GLU A 353 -8.71 9.40 0.00
N VAL A 354 -7.60 10.10 0.23
CA VAL A 354 -7.13 10.52 1.59
C VAL A 354 -7.62 11.93 1.88
N PRO A 355 -8.44 12.14 2.94
CA PRO A 355 -8.98 13.46 3.25
C PRO A 355 -8.02 14.21 4.19
N SER A 356 -8.27 15.51 4.41
CA SER A 356 -7.31 16.46 5.03
C SER A 356 -7.34 16.41 6.55
N THR A 357 -8.34 15.74 7.14
CA THR A 357 -8.45 15.61 8.62
C THR A 357 -8.81 14.17 8.99
N VAL A 358 -8.43 13.81 10.22
CA VAL A 358 -8.71 12.53 10.92
C VAL A 358 -9.30 12.93 12.26
N SER A 359 -10.41 12.30 12.65
CA SER A 359 -11.17 12.58 13.89
C SER A 359 -10.97 11.44 14.87
N ARG A 360 -11.17 11.70 16.17
CA ARG A 360 -11.22 10.67 17.25
C ARG A 360 -12.58 10.70 17.93
N LEU A 361 -13.26 9.55 17.97
CA LEU A 361 -14.69 9.46 18.33
C LEU A 361 -14.85 8.63 19.61
N ASP A 362 -15.66 9.16 20.55
CA ASP A 362 -15.95 8.50 21.86
C ASP A 362 -16.97 7.37 21.63
N GLU A 363 -17.44 6.76 22.72
CA GLU A 363 -18.30 5.54 22.73
C GLU A 363 -19.70 5.85 22.18
N ASN A 364 -20.07 7.14 22.11
CA ASN A 364 -21.32 7.62 21.46
C ASN A 364 -20.98 8.24 20.09
N TYR A 365 -19.75 8.01 19.58
CA TYR A 365 -19.27 8.44 18.24
C TYR A 365 -19.40 9.97 18.12
N GLN A 366 -18.99 10.69 19.16
CA GLN A 366 -18.99 12.18 19.23
C GLN A 366 -17.55 12.65 19.38
N PRO A 367 -17.22 13.93 19.07
CA PRO A 367 -15.84 14.40 19.10
C PRO A 367 -15.20 14.06 20.46
N TRP A 368 -14.12 13.27 20.43
CA TRP A 368 -13.35 12.76 21.59
C TRP A 368 -12.30 13.81 21.96
N GLY A 369 -12.31 14.30 23.20
CA GLY A 369 -11.47 15.42 23.64
C GLY A 369 -11.80 16.71 22.88
N PRO A 370 -11.10 17.83 23.17
CA PRO A 370 -11.27 19.08 22.43
C PRO A 370 -10.48 19.23 21.10
N GLU A 371 -9.52 18.36 20.82
CA GLU A 371 -8.84 18.27 19.49
C GLU A 371 -9.24 16.97 18.81
N ALA A 372 -10.50 16.56 18.92
CA ALA A 372 -11.01 15.31 18.30
C ALA A 372 -10.49 15.22 16.85
N GLU A 373 -10.52 16.34 16.12
CA GLU A 373 -10.16 16.45 14.69
C GLU A 373 -8.77 17.08 14.54
N LEU A 374 -7.89 16.46 13.75
CA LEU A 374 -6.46 16.86 13.58
C LEU A 374 -6.11 16.92 12.10
N PRO A 375 -5.28 17.88 11.65
CA PRO A 375 -4.82 17.91 10.27
C PRO A 375 -3.94 16.68 9.96
N LEU A 376 -4.26 15.97 8.88
CA LEU A 376 -3.55 14.73 8.46
C LEU A 376 -2.04 14.91 8.58
N HIS A 377 -1.50 16.10 8.27
CA HIS A 377 -0.03 16.30 8.14
C HIS A 377 0.63 16.17 9.52
N THR A 378 -0.11 16.44 10.61
CA THR A 378 0.42 16.30 12.00
C THR A 378 0.44 14.81 12.40
N LEU A 379 -0.08 13.92 11.55
CA LEU A 379 -0.25 12.48 11.88
C LEU A 379 0.74 11.60 11.10
N PHE A 380 1.63 12.17 10.29
CA PHE A 380 2.72 11.37 9.67
C PHE A 380 3.73 10.97 10.77
N PHE A 381 4.07 9.68 10.82
CA PHE A 381 5.07 9.11 11.77
C PHE A 381 4.75 9.58 13.19
N ASN A 382 3.45 9.74 13.46
CA ASN A 382 2.90 10.14 14.78
C ASN A 382 2.38 8.87 15.46
N THR A 383 3.13 8.36 16.43
CA THR A 383 2.78 7.20 17.28
C THR A 383 2.30 7.66 18.67
N TRP A 384 2.70 8.87 19.10
CA TRP A 384 2.40 9.38 20.47
C TRP A 384 0.91 9.72 20.59
N ARG A 385 0.27 10.13 19.50
CA ARG A 385 -1.17 10.48 19.52
C ARG A 385 -2.00 9.23 19.82
N ILE A 386 -1.43 8.03 19.66
CA ILE A 386 -2.08 6.75 20.04
C ILE A 386 -1.71 6.41 21.50
N ILE A 387 -0.42 6.48 21.85
CA ILE A 387 0.11 5.97 23.16
C ILE A 387 -0.27 6.96 24.27
N LYS A 388 -0.15 8.27 24.03
CA LYS A 388 -0.29 9.31 25.08
C LYS A 388 -1.53 10.19 24.85
N ASP A 389 -2.59 9.67 24.22
CA ASP A 389 -3.81 10.47 23.91
C ASP A 389 -4.97 9.58 23.40
N GLY A 390 -5.20 8.39 23.98
CA GLY A 390 -6.51 7.72 23.94
C GLY A 390 -6.52 6.28 23.48
N GLY A 391 -5.46 5.77 22.85
CA GLY A 391 -5.44 4.39 22.32
C GLY A 391 -5.89 4.32 20.87
N ILE A 392 -6.35 3.16 20.37
CA ILE A 392 -6.80 3.00 18.96
C ILE A 392 -8.33 3.10 18.86
N ASP A 393 -9.09 2.77 19.90
CA ASP A 393 -10.58 2.69 19.83
C ASP A 393 -11.15 4.02 19.33
N PRO A 394 -10.73 5.21 19.85
CA PRO A 394 -11.14 6.48 19.28
C PRO A 394 -10.82 6.65 17.79
N LEU A 395 -9.68 6.10 17.35
CA LEU A 395 -9.19 6.21 15.95
C LEU A 395 -9.95 5.24 15.03
N VAL A 396 -10.13 3.98 15.47
CA VAL A 396 -10.92 2.96 14.73
C VAL A 396 -12.37 3.46 14.61
N ARG A 397 -12.89 4.21 15.58
CA ARG A 397 -14.28 4.74 15.47
C ARG A 397 -14.36 5.67 14.26
N GLY A 398 -13.47 6.64 14.16
CA GLY A 398 -13.41 7.57 13.01
C GLY A 398 -13.38 6.82 11.68
N LEU A 399 -12.59 5.73 11.62
CA LEU A 399 -12.45 4.87 10.41
C LEU A 399 -13.83 4.39 9.92
N LEU A 400 -14.76 4.15 10.86
CA LEU A 400 -16.08 3.54 10.60
C LEU A 400 -17.09 4.63 10.25
N ALA A 401 -17.01 5.79 10.91
CA ALA A 401 -18.06 6.83 10.89
C ALA A 401 -17.60 8.10 10.17
N LYS A 402 -16.38 8.15 9.63
CA LYS A 402 -15.88 9.28 8.80
C LYS A 402 -15.69 8.77 7.37
N LYS A 403 -15.64 9.68 6.40
CA LYS A 403 -15.70 9.31 4.97
C LYS A 403 -14.33 9.41 4.32
N SER A 404 -14.10 8.57 3.30
CA SER A 404 -12.98 8.67 2.34
C SER A 404 -13.17 9.96 1.56
N LYS A 405 -12.08 10.49 1.01
CA LYS A 405 -12.12 11.55 -0.03
C LYS A 405 -12.65 10.91 -1.30
N LEU A 406 -13.62 11.56 -1.94
CA LEU A 406 -13.98 11.19 -3.32
C LEU A 406 -12.97 11.87 -4.25
N MET A 407 -12.28 11.07 -5.05
CA MET A 407 -11.44 11.53 -6.17
C MET A 407 -12.26 12.48 -7.04
N ASN A 408 -11.60 13.49 -7.58
CA ASN A 408 -12.25 14.69 -8.15
C ASN A 408 -11.27 15.32 -9.16
N GLN A 409 -11.76 15.56 -10.38
CA GLN A 409 -10.91 15.96 -11.55
C GLN A 409 -10.29 17.33 -11.30
N ASP A 410 -10.89 18.18 -10.47
CA ASP A 410 -10.33 19.52 -10.12
C ASP A 410 -10.10 19.60 -8.60
N LYS A 411 -10.22 18.48 -7.87
CA LYS A 411 -9.75 18.37 -6.46
C LYS A 411 -9.13 17.00 -6.19
N MET A 412 -7.93 16.74 -6.72
CA MET A 412 -7.32 15.39 -6.86
C MET A 412 -6.64 14.97 -5.54
N VAL A 413 -5.67 15.73 -5.03
CA VAL A 413 -4.85 15.37 -3.83
C VAL A 413 -4.85 16.55 -2.86
N THR A 414 -5.32 16.31 -1.64
CA THR A 414 -5.30 17.26 -0.49
C THR A 414 -3.91 17.88 -0.36
N SER A 415 -3.81 19.14 0.08
CA SER A 415 -2.52 19.85 0.35
C SER A 415 -1.76 19.15 1.49
N GLU A 416 -2.48 18.39 2.31
CA GLU A 416 -1.89 17.60 3.42
C GLU A 416 -0.82 16.65 2.88
N LEU A 417 -0.96 16.13 1.66
CA LEU A 417 0.04 15.23 1.04
C LEU A 417 0.78 15.93 -0.10
N ARG A 418 0.14 16.93 -0.74
CA ARG A 418 0.71 17.57 -1.97
C ARG A 418 1.75 18.61 -1.57
N ASN A 419 1.71 19.12 -0.34
CA ASN A 419 2.63 20.18 0.14
C ASN A 419 3.27 19.83 1.48
N LYS A 420 2.63 18.99 2.31
CA LYS A 420 3.00 18.84 3.74
C LYS A 420 3.23 17.37 4.07
N LEU A 421 3.65 16.56 3.11
CA LEU A 421 4.17 15.19 3.37
C LEU A 421 5.47 15.29 4.19
N PHE A 422 5.58 14.45 5.22
CA PHE A 422 6.85 14.25 5.98
C PHE A 422 7.51 12.99 5.44
N GLN A 423 8.80 13.06 5.13
CA GLN A 423 9.67 11.92 4.75
C GLN A 423 10.53 11.49 5.93
N PRO A 424 10.62 10.17 6.24
CA PRO A 424 11.41 9.66 7.36
C PRO A 424 12.80 10.29 7.59
N THR A 425 13.57 10.53 6.53
CA THR A 425 15.02 10.89 6.59
C THR A 425 15.22 12.40 6.77
N HIS A 426 14.32 13.21 6.22
CA HIS A 426 14.40 14.70 6.17
C HIS A 426 13.65 15.29 7.37
N LYS A 427 13.50 16.63 7.41
CA LYS A 427 13.20 17.34 8.68
C LYS A 427 11.97 18.24 8.53
N ILE A 428 11.39 18.33 7.34
CA ILE A 428 10.23 19.26 7.11
C ILE A 428 9.00 18.42 6.79
N HIS A 429 7.84 19.00 7.12
CA HIS A 429 6.50 18.66 6.59
C HIS A 429 6.29 19.48 5.32
N GLY A 430 7.05 19.18 4.26
CA GLY A 430 7.20 20.10 3.10
C GLY A 430 7.17 19.44 1.74
N PHE A 431 6.94 18.13 1.67
CA PHE A 431 7.07 17.30 0.43
C PHE A 431 5.72 17.16 -0.26
N ASP A 432 5.77 16.64 -1.49
CA ASP A 432 4.61 16.51 -2.41
C ASP A 432 4.45 15.06 -2.89
N LEU A 433 3.64 14.26 -2.21
CA LEU A 433 3.32 12.87 -2.62
C LEU A 433 3.02 12.79 -4.13
N ALA A 434 2.29 13.76 -4.69
CA ALA A 434 1.84 13.71 -6.09
C ALA A 434 3.05 13.86 -7.02
N ALA A 435 3.85 14.90 -6.84
CA ALA A 435 5.10 15.12 -7.61
C ALA A 435 6.05 13.92 -7.40
N ILE A 436 6.13 13.38 -6.19
CA ILE A 436 6.92 12.14 -5.91
C ILE A 436 6.46 11.06 -6.89
N ASN A 437 5.17 10.79 -6.99
CA ASN A 437 4.64 9.67 -7.80
C ASN A 437 5.00 9.87 -9.27
N LEU A 438 5.00 11.12 -9.72
CA LEU A 438 5.25 11.46 -11.13
C LEU A 438 6.75 11.25 -11.41
N GLN A 439 7.61 11.78 -10.55
CA GLN A 439 9.08 11.57 -10.59
C GLN A 439 9.36 10.06 -10.61
N ARG A 440 8.58 9.28 -9.84
CA ARG A 440 8.84 7.84 -9.60
C ARG A 440 8.50 7.01 -10.85
N CYS A 441 7.41 7.35 -11.53
CA CYS A 441 7.02 6.77 -12.84
C CYS A 441 8.18 6.85 -13.83
N ARG A 442 8.90 7.97 -13.83
CA ARG A 442 10.05 8.21 -14.75
C ARG A 442 11.24 7.38 -14.26
N ASP A 443 11.58 7.47 -12.96
CA ASP A 443 12.62 6.67 -12.27
C ASP A 443 12.48 5.19 -12.63
N HIS A 444 11.25 4.69 -12.75
CA HIS A 444 10.92 3.26 -13.02
C HIS A 444 10.80 3.01 -14.52
N GLY A 445 11.12 3.98 -15.37
CA GLY A 445 10.96 3.90 -16.83
C GLY A 445 9.55 3.50 -17.22
N MET A 446 8.53 4.21 -16.74
CA MET A 446 7.12 3.86 -17.02
C MET A 446 6.78 4.27 -18.45
N PRO A 447 6.13 3.38 -19.25
CA PRO A 447 5.51 3.80 -20.50
C PRO A 447 4.46 4.89 -20.23
N GLY A 448 4.28 5.79 -21.20
CA GLY A 448 3.24 6.84 -21.19
C GLY A 448 1.84 6.27 -21.19
N TYR A 449 0.87 7.16 -21.04
CA TYR A 449 -0.57 6.87 -20.88
C TYR A 449 -1.10 6.02 -22.03
N ASN A 450 -0.76 6.39 -23.27
CA ASN A 450 -1.33 5.75 -24.51
C ASN A 450 -0.82 4.32 -24.67
N SER A 451 0.45 4.08 -24.38
CA SER A 451 1.05 2.73 -24.31
C SER A 451 0.16 1.81 -23.46
N TRP A 452 -0.33 2.34 -22.32
CA TRP A 452 -1.14 1.58 -21.32
C TRP A 452 -2.63 1.54 -21.73
N ARG A 453 -3.14 2.58 -22.40
CA ARG A 453 -4.47 2.49 -23.04
C ARG A 453 -4.39 1.38 -24.11
N GLY A 454 -3.43 1.51 -25.04
CA GLY A 454 -3.07 0.43 -25.98
C GLY A 454 -3.06 -0.91 -25.29
N PHE A 455 -2.30 -1.04 -24.19
CA PHE A 455 -2.15 -2.31 -23.43
C PHE A 455 -3.51 -2.93 -23.10
N CYS A 456 -4.48 -2.09 -22.70
CA CYS A 456 -5.82 -2.49 -22.17
C CYS A 456 -6.88 -2.46 -23.28
N GLY A 457 -6.46 -2.12 -24.52
CA GLY A 457 -7.34 -2.06 -25.70
C GLY A 457 -8.40 -0.99 -25.52
N LEU A 458 -7.97 0.22 -25.14
CA LEU A 458 -8.80 1.47 -25.09
C LEU A 458 -8.21 2.48 -26.08
N SER A 459 -8.97 3.53 -26.41
CA SER A 459 -8.57 4.56 -27.40
C SER A 459 -7.23 5.14 -26.97
N GLN A 460 -6.36 5.45 -27.94
CA GLN A 460 -5.10 6.20 -27.74
C GLN A 460 -5.29 7.59 -28.33
N PRO A 461 -5.94 8.52 -27.60
CA PRO A 461 -6.12 9.89 -28.10
C PRO A 461 -4.79 10.60 -28.43
N LYS A 462 -4.77 11.36 -29.53
CA LYS A 462 -3.58 12.10 -30.03
C LYS A 462 -3.84 13.61 -30.08
N THR A 463 -5.09 14.04 -29.84
CA THR A 463 -5.60 15.43 -30.07
C THR A 463 -5.99 16.03 -28.73
N LEU A 464 -6.24 17.34 -28.65
CA LEU A 464 -6.87 17.95 -27.45
C LEU A 464 -8.31 17.42 -27.28
N LYS A 465 -9.07 17.31 -28.37
CA LYS A 465 -10.51 16.94 -28.36
C LYS A 465 -10.65 15.43 -28.09
N GLY A 466 -9.79 14.61 -28.68
CA GLY A 466 -9.68 13.18 -28.35
C GLY A 466 -9.57 12.99 -26.85
N LEU A 467 -8.71 13.80 -26.20
CA LEU A 467 -8.45 13.74 -24.74
C LEU A 467 -9.61 14.35 -23.95
N GLN A 468 -10.26 15.40 -24.46
CA GLN A 468 -11.48 15.99 -23.84
C GLN A 468 -12.55 14.90 -23.73
N THR A 469 -12.74 14.14 -24.81
CA THR A 469 -13.76 13.05 -24.93
C THR A 469 -13.52 11.96 -23.87
N VAL A 470 -12.26 11.58 -23.63
CA VAL A 470 -11.90 10.47 -22.69
C VAL A 470 -12.04 10.99 -21.24
N LEU A 471 -11.33 12.05 -20.89
CA LEU A 471 -11.33 12.57 -19.50
C LEU A 471 -12.70 13.17 -19.18
N LYS A 472 -13.52 13.42 -20.21
CA LYS A 472 -14.82 14.11 -20.13
C LYS A 472 -14.61 15.38 -19.29
N ASN A 473 -13.64 16.18 -19.70
CA ASN A 473 -13.25 17.40 -18.97
C ASN A 473 -12.45 18.30 -19.92
N LYS A 474 -13.09 19.36 -20.43
CA LYS A 474 -12.46 20.30 -21.40
C LYS A 474 -11.23 20.92 -20.74
N ILE A 475 -11.33 21.33 -19.47
CA ILE A 475 -10.27 22.11 -18.77
C ILE A 475 -9.11 21.17 -18.40
N LEU A 476 -9.39 19.98 -17.86
CA LEU A 476 -8.31 19.01 -17.47
C LEU A 476 -7.49 18.63 -18.70
N ALA A 477 -8.16 18.28 -19.80
CA ALA A 477 -7.53 17.90 -21.08
C ALA A 477 -6.66 19.07 -21.61
N LYS A 478 -7.15 20.31 -21.50
CA LYS A 478 -6.42 21.53 -21.94
C LYS A 478 -5.15 21.68 -21.12
N LYS A 479 -5.27 21.50 -19.81
CA LYS A 479 -4.18 21.71 -18.83
C LYS A 479 -3.10 20.64 -19.03
N LEU A 480 -3.51 19.39 -19.26
CA LEU A 480 -2.60 18.23 -19.45
C LEU A 480 -1.77 18.42 -20.72
N MET A 481 -2.38 18.84 -21.81
CA MET A 481 -1.68 18.97 -23.12
C MET A 481 -0.90 20.27 -23.18
N ASP A 482 -1.30 21.28 -22.42
CA ASP A 482 -0.46 22.49 -22.24
C ASP A 482 0.87 22.07 -21.62
N LEU A 483 0.87 20.99 -20.84
CA LEU A 483 2.09 20.54 -20.10
C LEU A 483 2.87 19.49 -20.91
N TYR A 484 2.19 18.48 -21.46
CA TYR A 484 2.80 17.27 -22.03
C TYR A 484 2.83 17.30 -23.56
N LYS A 485 1.93 18.08 -24.19
CA LYS A 485 1.87 18.34 -25.66
C LYS A 485 1.28 17.14 -26.42
N THR A 486 1.44 15.92 -25.92
CA THR A 486 0.80 14.72 -26.50
C THR A 486 0.31 13.82 -25.38
N PRO A 487 -0.86 13.19 -25.53
CA PRO A 487 -1.31 12.18 -24.56
C PRO A 487 -0.29 11.03 -24.39
N ASP A 488 0.55 10.80 -25.42
CA ASP A 488 1.67 9.82 -25.40
C ASP A 488 2.67 10.13 -24.27
N ASN A 489 2.80 11.39 -23.83
CA ASN A 489 3.84 11.77 -22.83
C ASN A 489 3.26 11.76 -21.41
N ILE A 490 1.94 11.73 -21.24
CA ILE A 490 1.30 11.90 -19.90
C ILE A 490 1.71 10.72 -19.00
N ASP A 491 2.38 11.02 -17.89
CA ASP A 491 2.81 10.04 -16.84
C ASP A 491 1.62 9.13 -16.44
N ILE A 492 1.83 7.81 -16.36
CA ILE A 492 0.71 6.85 -16.17
C ILE A 492 -0.11 7.21 -14.91
N TRP A 493 0.54 7.63 -13.81
CA TRP A 493 -0.19 7.86 -12.53
C TRP A 493 -1.33 8.85 -12.76
N ILE A 494 -1.00 10.05 -13.28
CA ILE A 494 -2.00 11.13 -13.49
C ILE A 494 -2.89 10.79 -14.68
N GLY A 495 -2.41 10.01 -15.65
CA GLY A 495 -3.23 9.50 -16.76
C GLY A 495 -4.37 8.64 -16.25
N GLY A 496 -4.04 7.53 -15.59
CA GLY A 496 -5.04 6.60 -15.02
C GLY A 496 -6.08 7.33 -14.20
N ASN A 497 -5.63 8.28 -13.37
CA ASN A 497 -6.41 8.88 -12.25
C ASN A 497 -7.24 10.07 -12.71
N ALA A 498 -7.00 10.54 -13.96
CA ALA A 498 -7.72 11.66 -14.60
C ALA A 498 -9.03 11.15 -15.19
N GLU A 499 -9.10 9.88 -15.59
CA GLU A 499 -10.32 9.27 -16.21
C GLU A 499 -11.45 9.37 -15.20
N PRO A 500 -12.72 9.62 -15.61
CA PRO A 500 -13.86 9.46 -14.71
C PRO A 500 -13.97 8.01 -14.20
N MET A 501 -14.73 7.80 -13.13
CA MET A 501 -14.92 6.48 -12.48
C MET A 501 -15.96 5.63 -13.23
N VAL A 502 -15.57 4.38 -13.49
CA VAL A 502 -16.47 3.27 -13.91
C VAL A 502 -17.59 3.17 -12.87
N GLU A 503 -18.72 2.59 -13.28
CA GLU A 503 -19.95 2.60 -12.46
C GLU A 503 -19.75 1.68 -11.25
N ARG A 504 -20.20 2.14 -10.08
CA ARG A 504 -20.24 1.38 -8.80
C ARG A 504 -18.81 1.06 -8.39
N GLY A 505 -17.86 1.91 -8.80
CA GLY A 505 -16.43 1.76 -8.52
C GLY A 505 -15.79 3.09 -8.20
N ARG A 506 -14.47 3.11 -8.03
CA ARG A 506 -13.71 4.32 -7.62
C ARG A 506 -12.46 4.49 -8.49
N VAL A 507 -12.40 3.79 -9.63
CA VAL A 507 -11.34 3.97 -10.68
C VAL A 507 -11.98 3.98 -12.08
N GLY A 508 -11.31 4.65 -13.02
CA GLY A 508 -11.66 4.68 -14.46
C GLY A 508 -11.23 3.42 -15.19
N PRO A 509 -11.60 3.32 -16.48
CA PRO A 509 -11.38 2.10 -17.27
C PRO A 509 -9.92 1.62 -17.22
N LEU A 510 -8.99 2.52 -17.43
CA LEU A 510 -7.57 2.14 -17.62
C LEU A 510 -7.07 1.44 -16.35
N LEU A 511 -7.30 2.06 -15.19
CA LEU A 511 -6.86 1.56 -13.87
C LEU A 511 -7.63 0.27 -13.51
N ALA A 512 -8.93 0.16 -13.84
CA ALA A 512 -9.73 -1.06 -13.55
C ALA A 512 -9.13 -2.25 -14.32
N CYS A 513 -8.75 -2.02 -15.57
CA CYS A 513 -8.05 -3.03 -16.41
C CYS A 513 -6.74 -3.45 -15.73
N LEU A 514 -5.86 -2.50 -15.43
CA LEU A 514 -4.53 -2.76 -14.80
C LEU A 514 -4.72 -3.43 -13.43
N LEU A 515 -5.58 -2.88 -12.55
CA LEU A 515 -5.83 -3.42 -11.19
C LEU A 515 -6.47 -4.81 -11.28
N GLY A 516 -7.65 -4.92 -11.91
CA GLY A 516 -8.37 -6.20 -12.12
C GLY A 516 -7.46 -7.33 -12.57
N ARG A 517 -6.61 -7.06 -13.57
CA ARG A 517 -5.69 -8.05 -14.17
C ARG A 517 -4.68 -8.55 -13.11
N GLN A 518 -4.17 -7.65 -12.25
CA GLN A 518 -3.15 -8.00 -11.23
C GLN A 518 -3.77 -8.84 -10.09
N PHE A 519 -5.00 -8.53 -9.65
CA PHE A 519 -5.66 -9.25 -8.54
C PHE A 519 -6.09 -10.64 -9.02
N GLN A 520 -6.59 -10.71 -10.26
CA GLN A 520 -6.79 -11.96 -11.04
C GLN A 520 -5.53 -12.83 -10.94
N GLN A 521 -4.36 -12.22 -11.17
CA GLN A 521 -3.06 -12.95 -11.14
C GLN A 521 -2.73 -13.32 -9.70
N ILE A 522 -2.92 -12.42 -8.73
CA ILE A 522 -2.55 -12.69 -7.30
C ILE A 522 -3.37 -13.89 -6.78
N ARG A 523 -4.64 -13.99 -7.18
CA ARG A 523 -5.53 -15.10 -6.76
C ARG A 523 -5.13 -16.40 -7.48
N ASP A 524 -5.25 -16.44 -8.81
CA ASP A 524 -5.14 -17.69 -9.61
C ASP A 524 -3.73 -18.29 -9.51
N GLY A 525 -2.71 -17.47 -9.23
CA GLY A 525 -1.29 -17.87 -9.22
C GLY A 525 -0.80 -18.34 -7.85
N ASP A 526 -1.67 -18.35 -6.83
CA ASP A 526 -1.31 -18.69 -5.42
C ASP A 526 -1.69 -20.15 -5.13
N ARG A 527 -0.69 -20.98 -4.86
CA ARG A 527 -0.85 -22.38 -4.42
C ARG A 527 -1.64 -22.42 -3.11
N PHE A 528 -1.53 -21.37 -2.27
CA PHE A 528 -2.07 -21.34 -0.88
C PHE A 528 -3.25 -20.37 -0.75
N TRP A 529 -3.91 -20.02 -1.86
CA TRP A 529 -5.20 -19.28 -1.83
C TRP A 529 -6.24 -20.11 -1.05
N TRP A 530 -7.03 -19.44 -0.22
CA TRP A 530 -7.86 -20.05 0.85
C TRP A 530 -8.97 -20.95 0.28
N GLU A 531 -9.42 -20.68 -0.95
CA GLU A 531 -10.47 -21.46 -1.67
C GLU A 531 -9.85 -22.64 -2.43
N ASN A 532 -8.54 -22.58 -2.72
CA ASN A 532 -7.80 -23.68 -3.42
C ASN A 532 -7.96 -24.96 -2.62
N PRO A 533 -8.55 -26.03 -3.20
CA PRO A 533 -8.82 -27.24 -2.44
C PRO A 533 -7.50 -27.80 -1.90
N GLY A 534 -7.55 -28.31 -0.66
CA GLY A 534 -6.39 -28.90 0.05
C GLY A 534 -5.92 -27.99 1.16
N VAL A 535 -5.64 -26.72 0.82
CA VAL A 535 -5.21 -25.63 1.75
C VAL A 535 -6.07 -25.67 3.02
N PHE A 536 -7.39 -25.73 2.88
CA PHE A 536 -8.35 -25.73 4.01
C PHE A 536 -9.34 -26.89 3.87
N THR A 537 -9.84 -27.41 4.99
CA THR A 537 -10.99 -28.36 5.04
C THR A 537 -12.22 -27.63 4.52
N GLU A 538 -13.17 -28.37 3.98
CA GLU A 538 -14.49 -27.80 3.61
C GLU A 538 -15.07 -27.08 4.85
N LYS A 539 -15.02 -27.72 6.02
CA LYS A 539 -15.65 -27.23 7.27
C LYS A 539 -14.99 -25.91 7.72
N GLN A 540 -13.67 -25.80 7.57
CA GLN A 540 -12.88 -24.58 7.85
C GLN A 540 -13.39 -23.43 6.96
N ARG A 541 -13.63 -23.74 5.67
CA ARG A 541 -13.91 -22.73 4.62
C ARG A 541 -15.31 -22.12 4.80
N ASP A 542 -16.29 -22.87 5.33
CA ASP A 542 -17.66 -22.34 5.61
C ASP A 542 -17.61 -21.46 6.86
N SER A 543 -16.67 -21.77 7.78
CA SER A 543 -16.44 -21.05 9.05
C SER A 543 -15.57 -19.80 8.83
N LEU A 544 -14.85 -19.70 7.69
CA LEU A 544 -13.99 -18.54 7.32
C LEU A 544 -14.81 -17.53 6.52
N GLN A 545 -15.87 -17.97 5.84
CA GLN A 545 -16.64 -17.13 4.89
C GLN A 545 -17.47 -16.07 5.64
N LYS A 546 -17.56 -16.17 6.97
CA LYS A 546 -18.42 -15.29 7.81
C LYS A 546 -17.58 -14.20 8.49
N VAL A 547 -16.28 -14.09 8.16
CA VAL A 547 -15.39 -13.02 8.69
C VAL A 547 -15.93 -11.66 8.22
N SER A 548 -15.69 -10.64 9.04
CA SER A 548 -16.01 -9.22 8.74
C SER A 548 -14.96 -8.34 9.42
N PHE A 549 -14.66 -7.18 8.84
CA PHE A 549 -13.84 -6.12 9.51
C PHE A 549 -14.59 -5.66 10.76
N SER A 550 -15.93 -5.64 10.69
CA SER A 550 -16.82 -5.44 11.86
C SER A 550 -16.40 -6.42 12.94
N ARG A 551 -16.42 -7.71 12.61
CA ARG A 551 -16.05 -8.81 13.55
C ARG A 551 -14.66 -8.52 14.14
N LEU A 552 -13.65 -8.37 13.28
CA LEU A 552 -12.24 -8.11 13.66
C LEU A 552 -12.19 -7.02 14.74
N ILE A 553 -12.92 -5.92 14.54
CA ILE A 553 -12.95 -4.77 15.47
C ILE A 553 -13.53 -5.24 16.81
N CYS A 554 -14.77 -5.75 16.81
CA CYS A 554 -15.48 -6.23 18.03
C CYS A 554 -14.49 -7.02 18.91
N ASP A 555 -13.72 -7.93 18.30
CA ASP A 555 -12.86 -8.91 19.02
C ASP A 555 -11.50 -8.32 19.44
N ASN A 556 -11.09 -7.16 18.91
CA ASN A 556 -9.71 -6.62 19.11
C ASN A 556 -9.74 -5.14 19.56
N THR A 557 -10.90 -4.67 20.04
CA THR A 557 -11.13 -3.32 20.63
C THR A 557 -12.22 -3.46 21.72
N HIS A 558 -12.46 -2.41 22.50
CA HIS A 558 -13.58 -2.33 23.48
C HIS A 558 -14.78 -1.62 22.83
N ILE A 559 -14.84 -1.60 21.50
CA ILE A 559 -15.96 -0.98 20.71
C ILE A 559 -17.07 -2.03 20.60
N THR A 560 -18.34 -1.62 20.71
CA THR A 560 -19.52 -2.51 20.87
C THR A 560 -20.55 -2.30 19.76
N LYS A 561 -20.62 -1.11 19.17
CA LYS A 561 -21.47 -0.81 17.99
C LYS A 561 -20.56 -0.74 16.75
N VAL A 562 -20.97 -1.41 15.67
CA VAL A 562 -20.19 -1.51 14.39
C VAL A 562 -21.17 -1.61 13.25
N PRO A 563 -20.84 -1.10 12.05
CA PRO A 563 -21.68 -1.29 10.88
C PRO A 563 -21.56 -2.73 10.36
N LEU A 564 -22.57 -3.19 9.62
CA LEU A 564 -22.62 -4.57 9.05
C LEU A 564 -21.76 -4.63 7.79
N HIS A 565 -21.50 -3.47 7.17
CA HIS A 565 -20.65 -3.31 5.96
C HIS A 565 -19.74 -2.08 6.16
N ALA A 566 -18.52 -2.30 6.63
CA ALA A 566 -17.64 -1.25 7.18
C ALA A 566 -17.08 -0.32 6.09
N PHE A 567 -17.30 -0.60 4.81
CA PHE A 567 -16.69 0.16 3.68
C PHE A 567 -17.67 1.22 3.16
N GLN A 568 -18.97 0.98 3.23
CA GLN A 568 -19.97 2.01 2.80
C GLN A 568 -20.08 3.08 3.91
N ALA A 569 -20.65 4.23 3.57
CA ALA A 569 -20.85 5.39 4.47
C ALA A 569 -21.86 5.03 5.56
N ASN A 570 -21.40 4.95 6.81
CA ASN A 570 -22.21 4.46 7.95
C ASN A 570 -22.25 5.55 9.03
N ASN A 571 -23.45 6.07 9.30
CA ASN A 571 -23.74 7.08 10.33
C ASN A 571 -24.23 6.38 11.60
N TYR A 572 -23.77 6.86 12.75
CA TYR A 572 -24.23 6.42 14.09
C TYR A 572 -25.47 7.21 14.51
N PRO A 573 -26.52 6.59 15.11
CA PRO A 573 -26.55 5.15 15.43
C PRO A 573 -27.28 4.26 14.41
N HIS A 574 -27.98 4.85 13.45
CA HIS A 574 -28.90 4.18 12.49
C HIS A 574 -28.23 2.96 11.85
N ASP A 575 -27.07 3.14 11.19
CA ASP A 575 -26.37 2.08 10.40
C ASP A 575 -25.46 1.22 11.30
N PHE A 576 -25.38 1.49 12.61
CA PHE A 576 -24.55 0.74 13.58
C PHE A 576 -25.43 -0.26 14.36
N VAL A 577 -24.92 -1.47 14.58
CA VAL A 577 -25.62 -2.56 15.33
C VAL A 577 -24.72 -3.01 16.48
N ASP A 578 -25.30 -3.64 17.50
CA ASP A 578 -24.51 -4.25 18.62
C ASP A 578 -23.67 -5.41 18.04
N CYS A 579 -22.57 -5.76 18.72
CA CYS A 579 -21.57 -6.81 18.33
C CYS A 579 -22.15 -8.23 18.43
N SER A 580 -23.22 -8.43 19.20
CA SER A 580 -23.87 -9.74 19.44
C SER A 580 -24.75 -10.10 18.23
N THR A 581 -24.41 -9.61 17.05
CA THR A 581 -25.32 -9.50 15.88
C THR A 581 -24.56 -9.80 14.58
N VAL A 582 -23.23 -9.96 14.65
CA VAL A 582 -22.34 -9.87 13.47
C VAL A 582 -22.19 -11.27 12.86
N ASP A 583 -21.76 -12.23 13.67
CA ASP A 583 -21.28 -13.58 13.23
C ASP A 583 -19.80 -13.71 13.61
N LYS A 584 -19.51 -14.49 14.66
CA LYS A 584 -18.14 -14.81 15.13
C LYS A 584 -17.43 -15.73 14.13
N LEU A 585 -16.10 -15.68 14.10
CA LEU A 585 -15.25 -16.65 13.36
C LEU A 585 -15.08 -17.88 14.27
N ASP A 586 -15.83 -18.95 13.99
CA ASP A 586 -15.90 -20.18 14.85
C ASP A 586 -14.78 -21.14 14.43
N LEU A 587 -13.90 -21.51 15.36
CA LEU A 587 -12.69 -22.32 15.09
C LEU A 587 -12.86 -23.77 15.57
N SER A 588 -14.09 -24.27 15.68
CA SER A 588 -14.38 -25.70 15.99
C SER A 588 -13.68 -26.57 14.95
N PRO A 589 -13.76 -26.25 13.63
CA PRO A 589 -13.16 -27.08 12.58
C PRO A 589 -11.63 -27.18 12.58
N TRP A 590 -10.95 -26.57 13.55
CA TRP A 590 -9.45 -26.54 13.66
C TRP A 590 -8.98 -27.47 14.77
N ALA A 591 -9.84 -28.41 15.21
CA ALA A 591 -9.56 -29.35 16.33
C ALA A 591 -8.72 -30.53 15.85
N SER A 592 -7.40 -30.47 16.03
CA SER A 592 -6.50 -31.66 16.00
C SER A 592 -6.85 -32.54 17.21
N ARG A 593 -7.20 -33.81 16.98
CA ARG A 593 -7.46 -34.80 18.07
C ARG A 593 -6.11 -35.35 18.54
N GLU A 594 -5.77 -36.60 18.22
CA GLU A 594 -4.41 -37.17 18.44
C GLU A 594 -4.05 -38.03 17.21
N ASN A 595 -4.09 -39.36 17.31
CA ASN A 595 -3.67 -40.31 16.25
C ASN A 595 -4.86 -41.19 15.84
CA CA B . 2.48 -10.14 0.53
CHA HEM C . 3.57 4.74 -2.09
CHB HEM C . 2.41 7.92 1.26
CHC HEM C . -2.14 6.09 1.29
CHD HEM C . -0.97 3.05 -2.24
C1A HEM C . 3.62 5.75 -1.20
C2A HEM C . 4.81 6.42 -0.86
C3A HEM C . 4.49 7.34 0.07
C4A HEM C . 3.11 7.20 0.32
CMA HEM C . 5.47 8.30 0.70
CAA HEM C . 6.17 6.19 -1.48
CBA HEM C . 6.08 6.89 -2.86
CGA HEM C . 7.44 7.05 -3.48
O1A HEM C . 7.68 6.70 -4.68
O2A HEM C . 8.34 7.55 -2.79
C1B HEM C . 1.06 7.64 1.57
C2B HEM C . 0.40 8.29 2.64
C3B HEM C . -0.89 7.79 2.69
C4B HEM C . -0.98 6.80 1.59
CMB HEM C . 1.07 9.32 3.54
CAB HEM C . -2.03 8.14 3.56
CBB HEM C . -2.03 9.13 4.46
C1C HEM C . -2.25 5.11 0.32
C2C HEM C . -3.41 4.39 -0.06
C3C HEM C . -3.06 3.50 -1.06
C4C HEM C . -1.70 3.73 -1.31
CMC HEM C . -4.79 4.53 0.53
CAC HEM C . -3.90 2.55 -1.85
CBC HEM C . -5.24 2.52 -1.82
C1D HEM C . 0.41 3.27 -2.44
C2D HEM C . 1.20 2.40 -3.32
C3D HEM C . 2.45 2.86 -3.28
C4D HEM C . 2.41 4.01 -2.36
CMD HEM C . 0.70 1.22 -4.15
CAD HEM C . 3.63 2.27 -4.02
CBD HEM C . 4.27 1.23 -3.07
CGD HEM C . 5.54 0.62 -3.62
O1D HEM C . 6.64 1.22 -3.49
O2D HEM C . 5.55 -0.48 -4.20
NA HEM C . 2.57 6.25 -0.48
NB HEM C . 0.21 6.78 0.98
NC HEM C . -1.23 4.71 -0.47
ND HEM C . 1.20 4.21 -1.89
FE HEM C . 0.71 5.54 -0.65
CL CL D . 5.03 -2.95 -16.11
#